data_5B6K
#
_entry.id   5B6K
#
_cell.length_a   61.620
_cell.length_b   61.620
_cell.length_c   189.930
_cell.angle_alpha   90.00
_cell.angle_beta   90.00
_cell.angle_gamma   120.00
#
_symmetry.space_group_name_H-M   'P 65'
#
loop_
_entity.id
_entity.type
_entity.pdbx_description
1 polymer 'Uncharacterized protein CgKR1'
2 non-polymer 'SULFATE ION'
3 water water
#
_entity_poly.entity_id   1
_entity_poly.type   'polypeptide(L)'
_entity_poly.pdbx_seq_one_letter_code
;MGSSHHHHHHSSGLVPRGSHMTTVFVSGATGFIAQHVVRQLLDQNYKVIGSVRSAEKGDHLKNVIFKGGDFNYEIVKDIS
DPTAFDHVFEKHGKDIKVVLHTASPFHFNTTDIEKDLLIPAVNGTKGILESIKKYAAQTVERVVVTSSFAANTSTVDMFY
AKDSSKTITEESWNQDTWESCQSDPIRGYCGSKKFAEKAAWDFYNANKDSVKFKLSIINPVYVFGPQNYVEPGKKILNTS
SEVINSLVHLKKDDPLPEFAGGHIDVRDVAKAHILAFQKDELIEQRLMLHAGLFTTQTLLDIINEQFPELKGKIPAGKPG
TGNPDDALTPVDNSKTKKLLGFEFIDLKKDLYDTISQILEAEKNSN
;
_entity_poly.pdbx_strand_id   A
#
loop_
_chem_comp.id
_chem_comp.type
_chem_comp.name
_chem_comp.formula
SO4 non-polymer 'SULFATE ION' 'O4 S -2'
#
# COMPACT_ATOMS: atom_id res chain seq x y z
N MET A 21 11.95 -24.26 6.02
CA MET A 21 10.83 -23.37 5.73
C MET A 21 11.12 -22.39 4.62
N THR A 22 10.12 -22.11 3.85
CA THR A 22 10.21 -21.21 2.76
C THR A 22 10.62 -19.80 3.17
N THR A 23 11.54 -19.21 2.43
CA THR A 23 11.98 -17.85 2.70
C THR A 23 11.17 -16.85 1.86
N VAL A 24 10.64 -15.83 2.52
CA VAL A 24 9.92 -14.74 1.87
C VAL A 24 10.73 -13.46 2.07
N PHE A 25 10.98 -12.73 0.97
CA PHE A 25 11.67 -11.46 1.03
C PHE A 25 10.64 -10.34 0.97
N VAL A 26 10.72 -9.40 1.91
CA VAL A 26 9.81 -8.27 1.98
C VAL A 26 10.64 -7.00 1.91
N SER A 27 10.46 -6.22 0.85
CA SER A 27 11.24 -4.98 0.76
C SER A 27 10.62 -3.90 1.64
N GLY A 28 11.49 -3.06 2.21
CA GLY A 28 11.03 -1.92 2.99
C GLY A 28 10.28 -2.35 4.23
N ALA A 29 10.89 -3.26 4.99
CA ALA A 29 10.18 -3.97 6.06
C ALA A 29 9.81 -3.09 7.25
N THR A 30 10.32 -1.86 7.34
CA THR A 30 9.90 -0.98 8.43
C THR A 30 8.58 -0.28 8.14
N GLY A 31 8.07 -0.34 6.91
CA GLY A 31 6.91 0.45 6.53
C GLY A 31 5.62 0.00 7.19
N PHE A 32 4.62 0.88 7.08
CA PHE A 32 3.31 0.67 7.71
C PHE A 32 2.67 -0.62 7.23
N ILE A 33 2.51 -0.76 5.90
CA ILE A 33 1.97 -2.00 5.34
C ILE A 33 2.93 -3.15 5.55
N ALA A 34 4.22 -2.92 5.28
CA ALA A 34 5.19 -4.01 5.30
C ALA A 34 5.29 -4.67 6.68
N GLN A 35 5.22 -3.89 7.77
CA GLN A 35 5.33 -4.51 9.09
C GLN A 35 4.18 -5.47 9.34
N HIS A 36 2.98 -5.14 8.86
CA HIS A 36 1.85 -6.05 8.98
C HIS A 36 2.05 -7.29 8.11
N VAL A 37 2.64 -7.12 6.93
CA VAL A 37 2.96 -8.28 6.09
C VAL A 37 3.92 -9.21 6.82
N VAL A 38 5.00 -8.63 7.39
CA VAL A 38 5.98 -9.44 8.09
C VAL A 38 5.35 -10.09 9.33
N ARG A 39 4.53 -9.33 10.06
CA ARG A 39 3.83 -9.89 11.22
C ARG A 39 3.00 -11.11 10.84
N GLN A 40 2.18 -10.98 9.79
CA GLN A 40 1.30 -12.07 9.41
C GLN A 40 2.07 -13.24 8.82
N LEU A 41 3.20 -12.96 8.14
CA LEU A 41 4.10 -14.03 7.70
C LEU A 41 4.68 -14.79 8.89
N LEU A 42 5.19 -14.06 9.89
CA LEU A 42 5.75 -14.71 11.06
C LEU A 42 4.69 -15.45 11.87
N ASP A 43 3.44 -14.96 11.83
CA ASP A 43 2.35 -15.70 12.47
C ASP A 43 2.16 -17.07 11.84
N GLN A 44 2.50 -17.21 10.56
CA GLN A 44 2.45 -18.49 9.85
C GLN A 44 3.81 -19.18 9.79
N ASN A 45 4.78 -18.69 10.56
CA ASN A 45 6.09 -19.33 10.75
C ASN A 45 6.92 -19.37 9.47
N TYR A 46 6.73 -18.39 8.59
CA TYR A 46 7.63 -18.24 7.46
C TYR A 46 9.00 -17.75 7.93
N LYS A 47 10.03 -18.08 7.15
CA LYS A 47 11.33 -17.47 7.28
C LYS A 47 11.31 -16.17 6.47
N VAL A 48 11.69 -15.06 7.08
CA VAL A 48 11.52 -13.75 6.45
C VAL A 48 12.85 -13.03 6.37
N ILE A 49 13.14 -12.46 5.20
CA ILE A 49 14.22 -11.49 5.03
C ILE A 49 13.56 -10.16 4.63
N GLY A 50 13.80 -9.11 5.41
CA GLY A 50 13.29 -7.78 5.10
C GLY A 50 14.41 -6.86 4.66
N SER A 51 14.12 -5.94 3.74
CA SER A 51 15.11 -4.92 3.43
C SER A 51 14.83 -3.69 4.28
N VAL A 52 15.91 -3.06 4.74
CA VAL A 52 15.84 -1.86 5.57
C VAL A 52 16.88 -0.89 5.04
N ARG A 53 16.70 0.38 5.34
CA ARG A 53 17.60 1.39 4.81
C ARG A 53 18.80 1.66 5.72
N SER A 54 18.89 0.99 6.86
CA SER A 54 20.06 1.15 7.71
C SER A 54 20.19 -0.04 8.66
N ALA A 55 21.40 -0.19 9.20
CA ALA A 55 21.63 -1.25 10.18
C ALA A 55 20.87 -1.00 11.46
N GLU A 56 20.73 0.26 11.87
CA GLU A 56 19.95 0.57 13.07
C GLU A 56 18.52 0.09 12.90
N LYS A 57 17.88 0.44 11.78
CA LYS A 57 16.50 0.03 11.52
C LYS A 57 16.38 -1.49 11.48
N GLY A 58 17.34 -2.17 10.85
CA GLY A 58 17.30 -3.63 10.81
C GLY A 58 17.44 -4.27 12.17
N ASP A 59 18.34 -3.73 13.00
CA ASP A 59 18.51 -4.29 14.34
C ASP A 59 17.24 -4.12 15.16
N HIS A 60 16.61 -2.94 15.07
CA HIS A 60 15.34 -2.70 15.76
C HIS A 60 14.28 -3.71 15.35
N LEU A 61 14.17 -3.99 14.04
CA LEU A 61 13.18 -4.96 13.58
C LEU A 61 13.50 -6.36 14.11
N LYS A 62 14.76 -6.77 14.02
CA LYS A 62 15.13 -8.15 14.32
C LYS A 62 15.11 -8.43 15.82
N ASN A 63 15.54 -7.46 16.62
CA ASN A 63 15.73 -7.67 18.05
C ASN A 63 14.56 -7.17 18.89
N VAL A 64 13.67 -6.35 18.34
CA VAL A 64 12.58 -5.78 19.13
C VAL A 64 11.23 -6.11 18.48
N ILE A 65 10.96 -5.53 17.30
CA ILE A 65 9.62 -5.65 16.75
C ILE A 65 9.28 -7.09 16.39
N PHE A 66 10.23 -7.81 15.77
CA PHE A 66 9.99 -9.18 15.32
C PHE A 66 10.82 -10.19 16.08
N LYS A 67 11.16 -9.87 17.32
CA LYS A 67 11.72 -10.86 18.22
C LYS A 67 10.72 -12.01 18.36
N GLY A 68 11.22 -13.23 18.23
CA GLY A 68 10.39 -14.40 18.28
C GLY A 68 10.15 -15.03 16.93
N GLY A 69 10.30 -14.26 15.85
CA GLY A 69 10.17 -14.79 14.51
C GLY A 69 11.52 -15.02 13.87
N ASP A 70 11.51 -15.83 12.82
CA ASP A 70 12.69 -16.08 12.02
C ASP A 70 12.81 -14.93 11.03
N PHE A 71 13.41 -13.84 11.48
CA PHE A 71 13.54 -12.62 10.71
C PHE A 71 15.01 -12.22 10.60
N ASN A 72 15.43 -11.90 9.37
CA ASN A 72 16.74 -11.32 9.12
C ASN A 72 16.54 -10.14 8.17
N TYR A 73 17.55 -9.29 8.06
CA TYR A 73 17.46 -8.13 7.18
C TYR A 73 18.67 -8.00 6.27
N GLU A 74 18.42 -7.37 5.13
CA GLU A 74 19.47 -6.84 4.27
C GLU A 74 19.31 -5.34 4.18
N ILE A 75 20.43 -4.62 4.08
CA ILE A 75 20.40 -3.17 4.01
C ILE A 75 20.34 -2.77 2.54
N VAL A 76 19.26 -2.07 2.18
CA VAL A 76 19.04 -1.55 0.82
C VAL A 76 18.64 -0.09 1.02
N LYS A 77 19.55 0.83 0.71
CA LYS A 77 19.37 2.22 1.14
C LYS A 77 18.52 3.05 0.19
N ASP A 78 18.58 2.79 -1.11
CA ASP A 78 17.96 3.66 -2.10
C ASP A 78 17.11 2.83 -3.04
N ILE A 79 15.79 2.84 -2.82
CA ILE A 79 14.88 2.08 -3.65
C ILE A 79 14.88 2.60 -5.09
N SER A 80 15.23 3.87 -5.30
CA SER A 80 15.21 4.44 -6.65
C SER A 80 16.41 3.99 -7.49
N ASP A 81 17.42 3.39 -6.88
CA ASP A 81 18.55 2.81 -7.60
C ASP A 81 18.09 1.50 -8.25
N PRO A 82 18.09 1.38 -9.57
CA PRO A 82 17.57 0.14 -10.18
C PRO A 82 18.40 -1.10 -9.86
N THR A 83 19.63 -0.95 -9.38
CA THR A 83 20.46 -2.08 -9.00
C THR A 83 20.38 -2.39 -7.51
N ALA A 84 19.47 -1.73 -6.78
CA ALA A 84 19.52 -1.73 -5.32
C ALA A 84 19.43 -3.12 -4.73
N PHE A 85 18.68 -4.02 -5.35
CA PHE A 85 18.47 -5.36 -4.80
C PHE A 85 19.41 -6.40 -5.40
N ASP A 86 20.40 -5.99 -6.19
CA ASP A 86 21.28 -6.97 -6.82
C ASP A 86 21.98 -7.82 -5.78
N HIS A 87 22.51 -7.20 -4.73
CA HIS A 87 23.26 -7.94 -3.72
C HIS A 87 22.36 -8.93 -2.98
N VAL A 88 21.11 -8.55 -2.70
CA VAL A 88 20.18 -9.46 -2.02
C VAL A 88 20.04 -10.76 -2.80
N PHE A 89 19.82 -10.68 -4.12
CA PHE A 89 19.57 -11.90 -4.86
C PHE A 89 20.84 -12.60 -5.29
N GLU A 90 21.98 -11.91 -5.33
CA GLU A 90 23.24 -12.61 -5.53
C GLU A 90 23.59 -13.46 -4.32
N LYS A 91 23.35 -12.94 -3.12
CA LYS A 91 23.68 -13.67 -1.89
C LYS A 91 22.60 -14.66 -1.49
N HIS A 92 21.32 -14.35 -1.72
CA HIS A 92 20.22 -15.17 -1.24
C HIS A 92 19.43 -15.82 -2.36
N GLY A 93 19.88 -15.68 -3.61
CA GLY A 93 19.12 -16.13 -4.77
C GLY A 93 18.72 -17.58 -4.81
N LYS A 94 19.44 -18.44 -4.10
CA LYS A 94 19.02 -19.84 -4.05
C LYS A 94 17.93 -20.10 -3.03
N ASP A 95 17.68 -19.16 -2.11
CA ASP A 95 16.75 -19.40 -1.00
C ASP A 95 15.43 -18.66 -1.14
N ILE A 96 15.40 -17.49 -1.77
CA ILE A 96 14.19 -16.67 -1.75
C ILE A 96 13.21 -17.21 -2.78
N LYS A 97 12.10 -17.77 -2.32
CA LYS A 97 11.06 -18.26 -3.22
C LYS A 97 9.94 -17.26 -3.46
N VAL A 98 9.72 -16.32 -2.54
CA VAL A 98 8.59 -15.40 -2.61
C VAL A 98 9.13 -13.99 -2.40
N VAL A 99 8.72 -13.05 -3.25
CA VAL A 99 9.13 -11.66 -3.14
C VAL A 99 7.88 -10.79 -2.99
N LEU A 100 7.80 -10.06 -1.88
CA LEU A 100 6.70 -9.13 -1.62
C LEU A 100 7.33 -7.74 -1.67
N HIS A 101 7.18 -7.09 -2.80
CA HIS A 101 7.87 -5.83 -3.06
C HIS A 101 6.95 -4.69 -2.64
N THR A 102 7.06 -4.31 -1.36
CA THR A 102 6.21 -3.25 -0.83
C THR A 102 6.89 -1.90 -0.78
N ALA A 103 8.21 -1.84 -0.99
CA ALA A 103 8.93 -0.59 -0.86
C ALA A 103 8.77 0.29 -2.10
N SER A 104 8.77 1.60 -1.88
CA SER A 104 8.76 2.54 -2.98
C SER A 104 9.75 3.65 -2.67
N PRO A 105 10.21 4.40 -3.68
CA PRO A 105 11.17 5.46 -3.43
C PRO A 105 10.55 6.58 -2.60
N PHE A 106 11.43 7.37 -1.99
CA PHE A 106 10.98 8.51 -1.21
C PHE A 106 10.23 9.50 -2.08
N HIS A 107 9.12 10.02 -1.54
CA HIS A 107 8.21 10.91 -2.24
C HIS A 107 8.51 12.37 -1.87
N THR A 110 8.76 18.56 -4.92
CA THR A 110 9.68 18.71 -6.03
C THR A 110 9.09 19.58 -7.14
N THR A 111 9.96 20.18 -7.95
CA THR A 111 9.52 20.84 -9.17
C THR A 111 9.66 19.92 -10.38
N ASP A 112 10.67 19.05 -10.37
CA ASP A 112 10.90 18.13 -11.46
C ASP A 112 10.18 16.84 -11.15
N ILE A 113 8.91 16.76 -11.53
CA ILE A 113 8.14 15.55 -11.29
C ILE A 113 8.73 14.37 -12.06
N GLU A 114 9.23 14.62 -13.27
CA GLU A 114 9.81 13.52 -14.04
C GLU A 114 11.06 12.98 -13.37
N LYS A 115 11.96 13.89 -12.94
CA LYS A 115 13.23 13.43 -12.39
C LYS A 115 13.06 12.87 -10.97
N ASP A 116 12.18 13.47 -10.19
CA ASP A 116 12.12 13.14 -8.77
C ASP A 116 11.00 12.16 -8.42
N LEU A 117 10.05 11.92 -9.32
CA LEU A 117 8.95 11.01 -9.05
C LEU A 117 8.85 9.90 -10.10
N LEU A 118 8.73 10.27 -11.38
CA LEU A 118 8.37 9.28 -12.39
C LEU A 118 9.52 8.31 -12.67
N ILE A 119 10.72 8.83 -12.93
CA ILE A 119 11.86 7.94 -13.18
C ILE A 119 12.20 7.09 -11.96
N PRO A 120 12.30 7.66 -10.75
CA PRO A 120 12.53 6.79 -9.58
C PRO A 120 11.46 5.73 -9.41
N ALA A 121 10.20 6.03 -9.75
CA ALA A 121 9.13 5.04 -9.59
C ALA A 121 9.32 3.85 -10.51
N VAL A 122 9.64 4.09 -11.79
CA VAL A 122 9.81 2.96 -12.71
C VAL A 122 11.10 2.20 -12.39
N ASN A 123 12.16 2.91 -11.99
CA ASN A 123 13.36 2.22 -11.54
C ASN A 123 13.07 1.42 -10.28
N GLY A 124 12.26 1.97 -9.38
CA GLY A 124 12.02 1.36 -8.09
C GLY A 124 11.16 0.12 -8.13
N THR A 125 10.37 -0.07 -9.18
CA THR A 125 9.55 -1.26 -9.31
C THR A 125 10.17 -2.29 -10.26
N LYS A 126 10.70 -1.85 -11.40
CA LYS A 126 11.30 -2.79 -12.34
C LYS A 126 12.67 -3.27 -11.88
N GLY A 127 13.39 -2.46 -11.10
CA GLY A 127 14.75 -2.83 -10.70
C GLY A 127 14.82 -4.18 -10.01
N ILE A 128 13.96 -4.42 -9.02
CA ILE A 128 14.02 -5.69 -8.29
C ILE A 128 13.70 -6.86 -9.23
N LEU A 129 12.84 -6.64 -10.23
CA LEU A 129 12.51 -7.70 -11.18
C LEU A 129 13.73 -8.04 -12.02
N GLU A 130 14.53 -7.03 -12.38
CA GLU A 130 15.79 -7.24 -13.08
C GLU A 130 16.77 -8.02 -12.21
N SER A 131 16.85 -7.69 -10.91
CA SER A 131 17.71 -8.44 -10.01
C SER A 131 17.33 -9.91 -9.96
N ILE A 132 16.02 -10.19 -9.95
CA ILE A 132 15.56 -11.57 -9.94
C ILE A 132 15.94 -12.27 -11.24
N LYS A 133 15.72 -11.60 -12.38
CA LYS A 133 16.10 -12.18 -13.66
C LYS A 133 17.60 -12.48 -13.69
N LYS A 134 18.42 -11.57 -13.13
CA LYS A 134 19.87 -11.71 -13.23
C LYS A 134 20.43 -12.77 -12.29
N TYR A 135 19.84 -12.96 -11.10
CA TYR A 135 20.46 -13.80 -10.09
C TYR A 135 19.57 -14.91 -9.53
N ALA A 136 18.26 -14.92 -9.83
CA ALA A 136 17.39 -15.90 -9.20
C ALA A 136 16.25 -16.31 -10.12
N ALA A 137 16.49 -16.32 -11.44
CA ALA A 137 15.41 -16.43 -12.42
C ALA A 137 14.60 -17.70 -12.26
N GLN A 138 15.24 -18.79 -11.84
CA GLN A 138 14.53 -20.06 -11.73
C GLN A 138 14.23 -20.43 -10.30
N THR A 139 14.45 -19.52 -9.35
CA THR A 139 14.16 -19.77 -7.94
C THR A 139 12.92 -19.04 -7.47
N VAL A 140 12.79 -17.74 -7.76
CA VAL A 140 11.64 -17.00 -7.25
C VAL A 140 10.37 -17.52 -7.94
N GLU A 141 9.38 -17.89 -7.13
CA GLU A 141 8.15 -18.45 -7.63
C GLU A 141 7.03 -17.44 -7.77
N ARG A 142 6.96 -16.46 -6.88
CA ARG A 142 5.89 -15.48 -6.86
C ARG A 142 6.47 -14.12 -6.50
N VAL A 143 6.02 -13.10 -7.22
CA VAL A 143 6.31 -11.70 -6.89
C VAL A 143 4.97 -11.00 -6.75
N VAL A 144 4.73 -10.38 -5.59
CA VAL A 144 3.57 -9.53 -5.36
C VAL A 144 4.10 -8.11 -5.19
N VAL A 145 3.60 -7.18 -5.99
CA VAL A 145 4.04 -5.78 -5.95
C VAL A 145 2.94 -4.92 -5.36
N THR A 146 3.28 -4.09 -4.37
CA THR A 146 2.36 -3.09 -3.85
C THR A 146 2.26 -1.94 -4.84
N SER A 147 1.09 -1.80 -5.45
CA SER A 147 0.80 -0.67 -6.33
C SER A 147 -0.12 0.30 -5.57
N SER A 148 -1.19 0.81 -6.17
CA SER A 148 -2.05 1.81 -5.57
C SER A 148 -3.27 1.93 -6.44
N PHE A 149 -4.38 2.31 -5.82
CA PHE A 149 -5.56 2.72 -6.59
C PHE A 149 -5.25 3.87 -7.54
N ALA A 150 -4.17 4.62 -7.28
CA ALA A 150 -3.71 5.65 -8.21
C ALA A 150 -3.36 5.06 -9.57
N ALA A 151 -3.01 3.77 -9.64
CA ALA A 151 -2.79 3.16 -10.95
C ALA A 151 -4.10 2.77 -11.62
N ASN A 152 -5.20 2.70 -10.87
CA ASN A 152 -6.52 2.45 -11.46
C ASN A 152 -7.17 3.71 -12.00
N THR A 153 -6.92 4.87 -11.38
CA THR A 153 -7.55 6.09 -11.86
C THR A 153 -6.72 7.29 -11.45
N SER A 154 -6.62 8.25 -12.36
CA SER A 154 -6.12 9.56 -11.99
C SER A 154 -7.13 10.24 -11.06
N THR A 155 -6.63 11.17 -10.24
CA THR A 155 -7.53 11.97 -9.42
C THR A 155 -8.49 12.78 -10.29
N VAL A 156 -8.06 13.17 -11.50
CA VAL A 156 -8.92 13.98 -12.34
C VAL A 156 -10.18 13.22 -12.75
N ASP A 157 -10.16 11.89 -12.65
CA ASP A 157 -11.28 11.05 -13.07
C ASP A 157 -12.03 10.44 -11.89
N MET A 158 -11.78 10.92 -10.67
CA MET A 158 -12.38 10.33 -9.48
C MET A 158 -13.69 11.00 -9.08
N PHE A 159 -14.21 11.94 -9.86
CA PHE A 159 -15.33 12.74 -9.38
C PHE A 159 -16.47 12.78 -10.39
N TYR A 160 -16.78 11.64 -11.01
CA TYR A 160 -17.99 11.49 -11.84
C TYR A 160 -19.05 10.77 -11.01
N ALA A 161 -19.70 11.51 -10.11
CA ALA A 161 -20.55 10.87 -9.11
C ALA A 161 -21.74 10.14 -9.73
N LYS A 162 -21.94 8.89 -9.32
CA LYS A 162 -23.07 8.05 -9.72
C LYS A 162 -23.11 7.72 -11.20
N ASP A 163 -21.99 7.81 -11.91
CA ASP A 163 -21.94 7.48 -13.33
C ASP A 163 -21.50 6.04 -13.48
N SER A 164 -22.46 5.13 -13.61
CA SER A 164 -22.11 3.70 -13.65
C SER A 164 -21.26 3.35 -14.86
N SER A 165 -21.34 4.14 -15.93
CA SER A 165 -20.47 3.89 -17.08
C SER A 165 -19.03 4.25 -16.78
N LYS A 166 -18.78 5.07 -15.76
CA LYS A 166 -17.45 5.48 -15.33
C LYS A 166 -16.89 4.58 -14.23
N THR A 167 -17.63 3.54 -13.83
CA THR A 167 -17.24 2.71 -12.69
C THR A 167 -15.79 2.25 -12.82
N ILE A 168 -15.04 2.44 -11.75
CA ILE A 168 -13.62 2.05 -11.71
C ILE A 168 -13.53 0.62 -11.19
N THR A 169 -12.88 -0.25 -11.96
CA THR A 169 -12.71 -1.65 -11.58
C THR A 169 -11.22 -1.99 -11.65
N GLU A 170 -10.92 -3.27 -11.41
CA GLU A 170 -9.55 -3.75 -11.49
C GLU A 170 -8.98 -3.64 -12.90
N GLU A 171 -9.83 -3.55 -13.92
CA GLU A 171 -9.36 -3.37 -15.30
C GLU A 171 -9.08 -1.92 -15.64
N SER A 172 -9.53 -0.98 -14.81
CA SER A 172 -9.31 0.43 -15.08
C SER A 172 -7.85 0.79 -14.85
N TRP A 173 -7.32 1.61 -15.74
CA TRP A 173 -5.99 2.19 -15.60
C TRP A 173 -6.07 3.71 -15.63
N ASN A 174 -5.26 4.32 -14.78
CA ASN A 174 -5.05 5.76 -14.77
C ASN A 174 -4.77 6.24 -16.19
N GLN A 175 -5.58 7.18 -16.67
CA GLN A 175 -5.52 7.60 -18.06
C GLN A 175 -4.56 8.76 -18.30
N ASP A 176 -3.96 9.32 -17.25
CA ASP A 176 -2.98 10.38 -17.46
C ASP A 176 -1.76 9.84 -18.20
N THR A 177 -1.13 10.71 -18.98
CA THR A 177 0.08 10.32 -19.68
C THR A 177 1.31 10.70 -18.87
N TRP A 178 2.46 10.18 -19.28
CA TRP A 178 3.71 10.57 -18.68
C TRP A 178 3.85 12.09 -18.66
N GLU A 179 3.40 12.75 -19.74
CA GLU A 179 3.49 14.21 -19.80
C GLU A 179 2.38 14.89 -18.99
N SER A 180 1.13 14.46 -19.17
CA SER A 180 0.03 15.22 -18.58
C SER A 180 -0.01 15.10 -17.08
N CYS A 181 0.56 14.03 -16.50
CA CYS A 181 0.54 13.92 -15.04
C CYS A 181 1.53 14.87 -14.37
N GLN A 182 2.43 15.51 -15.12
CA GLN A 182 3.42 16.41 -14.53
C GLN A 182 2.87 17.80 -14.24
N SER A 183 1.56 17.99 -14.40
CA SER A 183 0.96 19.32 -14.29
C SER A 183 0.84 19.79 -12.85
N ASP A 184 0.82 18.87 -11.88
CA ASP A 184 0.74 19.25 -10.48
C ASP A 184 1.25 18.08 -9.65
N PRO A 185 1.62 18.33 -8.38
CA PRO A 185 2.24 17.25 -7.57
C PRO A 185 1.31 16.10 -7.25
N ILE A 186 0.01 16.36 -7.14
CA ILE A 186 -0.93 15.28 -6.86
C ILE A 186 -1.03 14.35 -8.06
N ARG A 187 -1.29 14.90 -9.25
CA ARG A 187 -1.32 14.08 -10.45
C ARG A 187 0.02 13.41 -10.69
N GLY A 188 1.11 14.12 -10.36
CA GLY A 188 2.43 13.57 -10.60
C GLY A 188 2.72 12.37 -9.71
N TYR A 189 2.38 12.47 -8.43
CA TYR A 189 2.52 11.32 -7.55
C TYR A 189 1.65 10.16 -8.03
N CYS A 190 0.39 10.46 -8.37
CA CYS A 190 -0.50 9.41 -8.86
C CYS A 190 0.04 8.79 -10.13
N GLY A 191 0.58 9.63 -11.04
CA GLY A 191 1.15 9.09 -12.26
C GLY A 191 2.36 8.24 -11.99
N SER A 192 3.15 8.58 -10.96
CA SER A 192 4.31 7.76 -10.65
C SER A 192 3.87 6.36 -10.23
N LYS A 193 2.74 6.26 -9.52
CA LYS A 193 2.20 4.94 -9.18
C LYS A 193 1.70 4.21 -10.44
N LYS A 194 1.03 4.92 -11.35
CA LYS A 194 0.62 4.31 -12.60
C LYS A 194 1.82 3.72 -13.34
N PHE A 195 2.85 4.53 -13.56
CA PHE A 195 3.92 4.04 -14.43
C PHE A 195 4.81 3.04 -13.72
N ALA A 196 4.93 3.11 -12.40
CA ALA A 196 5.60 2.04 -11.67
C ALA A 196 4.93 0.69 -11.96
N GLU A 197 3.59 0.63 -11.84
CA GLU A 197 2.93 -0.65 -12.03
C GLU A 197 2.98 -1.08 -13.50
N LYS A 198 2.82 -0.14 -14.42
CA LYS A 198 2.92 -0.46 -15.85
C LYS A 198 4.28 -1.05 -16.18
N ALA A 199 5.34 -0.49 -15.59
CA ALA A 199 6.69 -0.99 -15.83
C ALA A 199 6.83 -2.43 -15.32
N ALA A 200 6.19 -2.75 -14.19
CA ALA A 200 6.21 -4.13 -13.73
C ALA A 200 5.55 -5.06 -14.74
N TRP A 201 4.37 -4.68 -15.23
CA TRP A 201 3.68 -5.53 -16.21
C TRP A 201 4.47 -5.62 -17.52
N ASP A 202 5.02 -4.50 -17.98
CA ASP A 202 5.73 -4.53 -19.26
C ASP A 202 7.01 -5.37 -19.14
N PHE A 203 7.71 -5.29 -18.01
CA PHE A 203 8.85 -6.19 -17.80
C PHE A 203 8.38 -7.63 -17.78
N TYR A 204 7.32 -7.89 -17.01
CA TYR A 204 6.84 -9.26 -16.84
C TYR A 204 6.45 -9.87 -18.18
N ASN A 205 5.67 -9.16 -18.98
CA ASN A 205 5.20 -9.73 -20.22
C ASN A 205 6.32 -9.93 -21.22
N ALA A 206 7.42 -9.20 -21.07
CA ALA A 206 8.57 -9.36 -21.94
C ALA A 206 9.56 -10.42 -21.47
N ASN A 207 9.35 -10.98 -20.27
CA ASN A 207 10.34 -11.89 -19.69
C ASN A 207 9.74 -13.19 -19.14
N LYS A 208 8.47 -13.48 -19.44
CA LYS A 208 7.82 -14.64 -18.85
C LYS A 208 8.52 -15.97 -19.17
N ASP A 209 9.30 -16.03 -20.25
CA ASP A 209 10.13 -17.20 -20.52
C ASP A 209 11.45 -17.16 -19.79
N SER A 210 12.01 -15.96 -19.58
CA SER A 210 13.31 -15.85 -18.93
C SER A 210 13.21 -16.13 -17.44
N VAL A 211 12.04 -15.89 -16.82
CA VAL A 211 11.91 -16.05 -15.38
C VAL A 211 10.74 -16.97 -15.05
N LYS A 212 10.86 -17.62 -13.90
CA LYS A 212 9.85 -18.55 -13.39
C LYS A 212 8.69 -17.83 -12.72
N PHE A 213 8.93 -16.68 -12.08
CA PHE A 213 7.96 -16.18 -11.11
C PHE A 213 6.66 -15.77 -11.79
N LYS A 214 5.57 -15.82 -11.02
CA LYS A 214 4.28 -15.31 -11.44
C LYS A 214 4.00 -14.02 -10.67
N LEU A 215 3.54 -12.98 -11.38
CA LEU A 215 3.33 -11.65 -10.83
C LEU A 215 1.88 -11.47 -10.36
N SER A 216 1.71 -10.84 -9.20
CA SER A 216 0.39 -10.34 -8.80
C SER A 216 0.56 -8.94 -8.24
N ILE A 217 -0.55 -8.17 -8.24
CA ILE A 217 -0.51 -6.76 -7.87
C ILE A 217 -1.56 -6.49 -6.79
N ILE A 218 -1.21 -5.66 -5.80
CA ILE A 218 -2.16 -5.14 -4.81
C ILE A 218 -2.32 -3.64 -5.04
N ASN A 219 -3.57 -3.18 -5.20
CA ASN A 219 -3.90 -1.78 -5.41
C ASN A 219 -4.68 -1.24 -4.21
N PRO A 220 -4.01 -0.78 -3.16
CA PRO A 220 -4.73 -0.19 -2.02
C PRO A 220 -5.22 1.21 -2.32
N VAL A 221 -6.36 1.55 -1.70
CA VAL A 221 -6.86 2.92 -1.68
C VAL A 221 -6.16 3.63 -0.52
N TYR A 222 -6.83 4.61 0.11
CA TYR A 222 -6.29 5.18 1.35
C TYR A 222 -6.26 4.11 2.42
N VAL A 223 -5.09 3.92 3.04
CA VAL A 223 -4.89 2.83 3.99
C VAL A 223 -4.95 3.39 5.39
N PHE A 224 -5.92 2.94 6.16
CA PHE A 224 -6.02 3.27 7.58
C PHE A 224 -5.60 2.05 8.38
N GLY A 225 -5.81 2.11 9.70
CA GLY A 225 -5.59 0.94 10.52
C GLY A 225 -4.52 1.14 11.58
N PRO A 226 -4.51 0.27 12.59
CA PRO A 226 -3.51 0.38 13.65
C PRO A 226 -2.13 -0.01 13.16
N GLN A 227 -1.12 0.53 13.85
CA GLN A 227 0.27 0.18 13.55
C GLN A 227 0.59 -1.19 14.12
N ASN A 228 1.52 -1.89 13.46
CA ASN A 228 1.96 -3.19 13.98
C ASN A 228 2.66 -3.02 15.32
N TYR A 229 3.39 -1.94 15.50
CA TYR A 229 4.21 -1.75 16.71
C TYR A 229 4.28 -0.27 17.01
N VAL A 230 3.80 0.15 18.16
CA VAL A 230 3.75 1.57 18.51
C VAL A 230 5.12 2.00 19.05
N GLU A 231 5.69 3.03 18.42
CA GLU A 231 6.98 3.55 18.89
C GLU A 231 6.75 4.62 19.95
N LEU A 237 -0.88 12.37 18.90
CA LEU A 237 -1.89 11.52 18.30
C LEU A 237 -1.51 11.21 16.85
N ASN A 238 -0.45 10.44 16.68
CA ASN A 238 0.23 10.29 15.39
C ASN A 238 -0.02 8.90 14.81
N THR A 239 -1.07 8.78 13.98
CA THR A 239 -1.33 7.52 13.29
C THR A 239 -0.43 7.41 12.07
N SER A 240 -0.53 6.28 11.37
CA SER A 240 0.22 6.12 10.13
C SER A 240 -0.54 6.64 8.92
N SER A 241 -1.71 7.23 9.10
CA SER A 241 -2.48 7.80 8.00
C SER A 241 -2.47 9.30 8.11
N GLU A 242 -2.01 9.97 7.04
CA GLU A 242 -2.02 11.42 7.04
C GLU A 242 -3.43 11.98 7.01
N VAL A 243 -4.39 11.21 6.49
CA VAL A 243 -5.78 11.64 6.55
C VAL A 243 -6.26 11.64 8.00
N ILE A 244 -6.04 10.53 8.70
CA ILE A 244 -6.46 10.47 10.10
C ILE A 244 -5.72 11.51 10.93
N ASN A 245 -4.41 11.63 10.71
CA ASN A 245 -3.65 12.64 11.45
C ASN A 245 -4.22 14.03 11.24
N SER A 246 -4.54 14.40 10.00
CA SER A 246 -5.14 15.71 9.78
C SER A 246 -6.43 15.87 10.59
N LEU A 247 -7.24 14.82 10.65
CA LEU A 247 -8.53 14.94 11.33
C LEU A 247 -8.38 15.04 12.84
N VAL A 248 -7.53 14.19 13.43
CA VAL A 248 -7.36 14.22 14.88
C VAL A 248 -6.55 15.42 15.35
N HIS A 249 -5.95 16.19 14.45
CA HIS A 249 -5.25 17.40 14.81
C HIS A 249 -6.05 18.65 14.47
N LEU A 250 -7.30 18.49 14.03
CA LEU A 250 -8.16 19.63 13.73
C LEU A 250 -8.57 20.35 15.00
N LYS A 251 -8.60 21.67 14.96
CA LYS A 251 -9.24 22.45 16.02
C LYS A 251 -10.73 22.59 15.72
N LYS A 252 -11.51 22.85 16.77
CA LYS A 252 -12.95 22.91 16.61
C LYS A 252 -13.37 23.94 15.58
N ASP A 253 -12.68 25.08 15.54
CA ASP A 253 -12.98 26.16 14.62
C ASP A 253 -12.40 25.93 13.23
N ASP A 254 -11.56 24.90 13.07
CA ASP A 254 -10.69 24.81 11.91
C ASP A 254 -11.43 24.67 10.59
N PRO A 255 -10.83 25.12 9.50
CA PRO A 255 -11.31 24.70 8.18
C PRO A 255 -11.17 23.18 8.02
N LEU A 256 -12.27 22.54 7.64
CA LEU A 256 -12.23 21.10 7.38
C LEU A 256 -11.49 20.82 6.08
N PRO A 257 -10.47 19.96 6.09
CA PRO A 257 -9.75 19.65 4.85
C PRO A 257 -10.59 18.79 3.92
N GLU A 258 -10.24 18.83 2.64
CA GLU A 258 -10.95 18.05 1.63
C GLU A 258 -10.26 16.70 1.45
N PHE A 259 -10.91 15.64 1.93
CA PHE A 259 -10.47 14.27 1.71
C PHE A 259 -11.64 13.47 1.17
N ALA A 260 -11.38 12.63 0.18
CA ALA A 260 -12.44 11.78 -0.36
C ALA A 260 -11.80 10.66 -1.17
N GLY A 261 -12.31 9.46 -1.01
CA GLY A 261 -11.81 8.34 -1.78
C GLY A 261 -12.25 7.03 -1.15
N GLY A 262 -11.45 5.99 -1.37
CA GLY A 262 -11.70 4.68 -0.80
C GLY A 262 -10.86 4.47 0.45
N HIS A 263 -11.38 3.67 1.38
CA HIS A 263 -10.64 3.29 2.56
C HIS A 263 -10.41 1.79 2.58
N ILE A 264 -9.35 1.37 3.29
CA ILE A 264 -9.04 -0.03 3.50
C ILE A 264 -8.16 -0.12 4.74
N ASP A 265 -8.37 -1.16 5.54
CA ASP A 265 -7.56 -1.39 6.73
C ASP A 265 -6.23 -2.04 6.34
N VAL A 266 -5.13 -1.53 6.90
CA VAL A 266 -3.79 -2.05 6.64
C VAL A 266 -3.71 -3.56 6.88
N ARG A 267 -4.47 -4.08 7.84
CA ARG A 267 -4.40 -5.50 8.13
C ARG A 267 -4.97 -6.34 6.99
N ASP A 268 -5.98 -5.81 6.30
CA ASP A 268 -6.50 -6.49 5.12
C ASP A 268 -5.55 -6.34 3.94
N VAL A 269 -4.91 -5.18 3.81
CA VAL A 269 -3.92 -4.98 2.75
C VAL A 269 -2.81 -6.02 2.89
N ALA A 270 -2.33 -6.23 4.11
CA ALA A 270 -1.26 -7.19 4.34
C ALA A 270 -1.74 -8.61 4.06
N LYS A 271 -2.91 -8.96 4.57
CA LYS A 271 -3.48 -10.28 4.35
C LYS A 271 -3.59 -10.58 2.86
N ALA A 272 -4.01 -9.60 2.06
CA ALA A 272 -4.13 -9.78 0.61
C ALA A 272 -2.77 -10.04 -0.03
N HIS A 273 -1.71 -9.38 0.46
CA HIS A 273 -0.37 -9.65 -0.08
C HIS A 273 0.00 -11.11 0.11
N ILE A 274 -0.34 -11.66 1.28
CA ILE A 274 0.09 -13.02 1.60
C ILE A 274 -0.74 -14.03 0.81
N LEU A 275 -2.06 -13.85 0.77
CA LEU A 275 -2.87 -14.76 -0.02
C LEU A 275 -2.47 -14.72 -1.49
N ALA A 276 -2.03 -13.55 -1.97
CA ALA A 276 -1.68 -13.38 -3.38
C ALA A 276 -0.52 -14.26 -3.82
N PHE A 277 0.35 -14.70 -2.91
CA PHE A 277 1.38 -15.65 -3.32
C PHE A 277 1.06 -17.09 -2.97
N GLN A 278 0.03 -17.31 -2.16
CA GLN A 278 -0.29 -18.65 -1.67
C GLN A 278 -1.30 -19.39 -2.54
N LYS A 279 -2.17 -18.67 -3.25
CA LYS A 279 -3.32 -19.27 -3.92
C LYS A 279 -3.22 -19.05 -5.43
N ASP A 280 -3.44 -20.13 -6.19
CA ASP A 280 -3.23 -20.06 -7.63
C ASP A 280 -4.20 -19.10 -8.31
N GLU A 281 -5.41 -18.93 -7.77
CA GLU A 281 -6.38 -18.07 -8.45
C GLU A 281 -6.01 -16.59 -8.37
N LEU A 282 -5.02 -16.23 -7.55
CA LEU A 282 -4.59 -14.85 -7.41
C LEU A 282 -3.41 -14.52 -8.32
N ILE A 283 -2.89 -15.50 -9.05
CA ILE A 283 -1.83 -15.25 -10.02
C ILE A 283 -2.30 -14.25 -11.07
N GLU A 284 -1.46 -13.27 -11.37
CA GLU A 284 -1.67 -12.31 -12.47
C GLU A 284 -2.96 -11.51 -12.31
N GLN A 285 -3.39 -11.31 -11.07
CA GLN A 285 -4.51 -10.43 -10.76
C GLN A 285 -4.02 -9.08 -10.25
N ARG A 286 -4.79 -8.03 -10.55
CA ARG A 286 -4.68 -6.74 -9.88
C ARG A 286 -5.79 -6.72 -8.83
N LEU A 287 -5.42 -6.81 -7.56
CA LEU A 287 -6.38 -6.95 -6.46
C LEU A 287 -6.62 -5.58 -5.84
N MET A 288 -7.83 -5.05 -6.02
CA MET A 288 -8.14 -3.70 -5.53
C MET A 288 -8.52 -3.78 -4.07
N LEU A 289 -7.67 -3.24 -3.20
CA LEU A 289 -7.88 -3.32 -1.76
C LEU A 289 -8.66 -2.08 -1.35
N HIS A 290 -9.98 -2.23 -1.31
CA HIS A 290 -10.93 -1.14 -1.20
C HIS A 290 -12.14 -1.65 -0.44
N ALA A 291 -12.45 -1.02 0.69
CA ALA A 291 -13.54 -1.48 1.54
C ALA A 291 -14.77 -0.58 1.49
N GLY A 292 -14.70 0.52 0.77
CA GLY A 292 -15.81 1.44 0.66
C GLY A 292 -15.30 2.85 0.47
N LEU A 293 -16.24 3.78 0.34
CA LEU A 293 -15.90 5.18 0.09
C LEU A 293 -16.07 6.02 1.35
N PHE A 294 -15.37 7.15 1.40
CA PHE A 294 -15.46 8.07 2.52
C PHE A 294 -15.27 9.49 2.04
N THR A 295 -15.73 10.44 2.86
CA THR A 295 -15.36 11.84 2.79
C THR A 295 -14.91 12.29 4.17
N THR A 296 -14.31 13.48 4.24
CA THR A 296 -13.95 14.06 5.54
C THR A 296 -15.14 14.00 6.50
N GLN A 297 -16.34 14.33 6.02
CA GLN A 297 -17.48 14.38 6.92
C GLN A 297 -17.85 12.99 7.43
N THR A 298 -17.81 11.96 6.57
CA THR A 298 -18.17 10.64 7.07
C THR A 298 -17.13 10.13 8.06
N LEU A 299 -15.85 10.49 7.88
CA LEU A 299 -14.85 10.14 8.88
C LEU A 299 -15.12 10.82 10.20
N LEU A 300 -15.40 12.14 10.16
CA LEU A 300 -15.70 12.85 11.41
C LEU A 300 -16.91 12.25 12.11
N ASP A 301 -17.96 11.89 11.36
CA ASP A 301 -19.14 11.31 12.00
C ASP A 301 -18.79 10.03 12.74
N ILE A 302 -17.96 9.17 12.14
CA ILE A 302 -17.62 7.91 12.79
C ILE A 302 -16.68 8.15 13.96
N ILE A 303 -15.72 9.06 13.80
CA ILE A 303 -14.79 9.33 14.91
C ILE A 303 -15.56 9.86 16.11
N ASN A 304 -16.46 10.82 15.88
CA ASN A 304 -17.20 11.39 16.99
C ASN A 304 -18.12 10.36 17.64
N GLU A 305 -18.70 9.47 16.83
CA GLU A 305 -19.56 8.42 17.37
C GLU A 305 -18.77 7.39 18.18
N GLN A 306 -17.56 7.02 17.70
CA GLN A 306 -16.76 6.00 18.37
C GLN A 306 -15.94 6.53 19.52
N PHE A 307 -15.70 7.84 19.58
CA PHE A 307 -14.82 8.44 20.59
C PHE A 307 -15.51 9.63 21.24
N PRO A 308 -16.48 9.36 22.12
CA PRO A 308 -17.07 10.46 22.90
C PRO A 308 -16.02 11.27 23.64
N GLU A 309 -14.89 10.65 24.05
CA GLU A 309 -13.83 11.36 24.77
C GLU A 309 -13.21 12.47 23.97
N LEU A 310 -13.38 12.48 22.65
CA LEU A 310 -12.74 13.47 21.80
C LEU A 310 -13.68 14.58 21.38
N LYS A 311 -14.93 14.54 21.84
CA LYS A 311 -15.95 15.49 21.37
C LYS A 311 -15.65 16.91 21.79
N GLY A 312 -14.88 17.11 22.85
CA GLY A 312 -14.46 18.46 23.16
C GLY A 312 -13.33 18.98 22.30
N LYS A 313 -12.65 18.11 21.55
CA LYS A 313 -11.46 18.49 20.79
C LYS A 313 -11.74 18.65 19.30
N ILE A 314 -12.39 17.69 18.68
CA ILE A 314 -12.42 17.71 17.21
C ILE A 314 -13.76 18.28 16.74
N PRO A 315 -13.80 18.87 15.55
CA PRO A 315 -15.06 19.44 15.08
C PRO A 315 -16.07 18.35 14.73
N ALA A 316 -17.34 18.75 14.79
CA ALA A 316 -18.44 17.92 14.33
C ALA A 316 -18.72 18.11 12.84
N GLY A 317 -18.34 19.26 12.28
CA GLY A 317 -18.70 19.55 10.91
C GLY A 317 -20.20 19.66 10.78
N LYS A 318 -20.75 19.07 9.73
CA LYS A 318 -22.19 18.99 9.52
C LYS A 318 -22.56 17.52 9.43
N PRO A 319 -22.91 16.89 10.56
CA PRO A 319 -23.15 15.44 10.55
C PRO A 319 -24.23 15.02 9.58
N GLY A 320 -24.02 13.88 8.94
CA GLY A 320 -24.98 13.33 8.01
C GLY A 320 -24.87 13.84 6.59
N THR A 321 -23.98 14.79 6.32
CA THR A 321 -23.79 15.33 4.98
C THR A 321 -22.53 14.70 4.37
N GLY A 322 -22.22 15.10 3.14
CA GLY A 322 -21.02 14.60 2.50
C GLY A 322 -21.07 13.13 2.14
N ASN A 323 -22.23 12.65 1.71
CA ASN A 323 -22.39 11.28 1.25
C ASN A 323 -21.40 11.00 0.13
N PRO A 324 -20.48 10.03 0.30
CA PRO A 324 -19.46 9.79 -0.73
C PRO A 324 -20.04 9.39 -2.07
N ASP A 325 -21.19 8.69 -2.08
CA ASP A 325 -21.79 8.30 -3.35
C ASP A 325 -22.13 9.51 -4.22
N ASP A 326 -22.35 10.67 -3.60
CA ASP A 326 -22.69 11.88 -4.34
C ASP A 326 -21.46 12.68 -4.74
N ALA A 327 -20.26 12.22 -4.39
CA ALA A 327 -19.04 12.95 -4.65
C ALA A 327 -18.10 12.25 -5.61
N LEU A 328 -18.09 10.92 -5.62
CA LEU A 328 -17.01 10.15 -6.22
C LEU A 328 -17.50 9.27 -7.36
N THR A 329 -16.62 9.09 -8.33
CA THR A 329 -16.83 8.06 -9.33
C THR A 329 -17.08 6.72 -8.65
N PRO A 330 -18.10 5.96 -9.07
CA PRO A 330 -18.33 4.64 -8.47
C PRO A 330 -17.13 3.73 -8.64
N VAL A 331 -16.98 2.83 -7.67
CA VAL A 331 -15.90 1.86 -7.62
C VAL A 331 -16.53 0.50 -7.39
N ASP A 332 -16.15 -0.47 -8.22
CA ASP A 332 -16.67 -1.84 -8.12
C ASP A 332 -15.49 -2.79 -8.10
N ASN A 333 -15.11 -3.27 -6.91
CA ASN A 333 -14.10 -4.30 -6.78
C ASN A 333 -14.71 -5.63 -6.34
N SER A 334 -15.91 -5.92 -6.84
CA SER A 334 -16.55 -7.20 -6.52
C SER A 334 -15.69 -8.38 -6.97
N LYS A 335 -14.95 -8.23 -8.07
CA LYS A 335 -14.09 -9.31 -8.53
C LYS A 335 -13.01 -9.62 -7.50
N THR A 336 -12.33 -8.58 -7.00
CA THR A 336 -11.30 -8.77 -5.98
C THR A 336 -11.88 -9.44 -4.74
N LYS A 337 -13.02 -8.93 -4.26
CA LYS A 337 -13.58 -9.47 -3.03
C LYS A 337 -13.95 -10.94 -3.18
N LYS A 338 -14.43 -11.34 -4.36
CA LYS A 338 -14.76 -12.74 -4.56
C LYS A 338 -13.49 -13.60 -4.63
N LEU A 339 -12.45 -13.10 -5.29
CA LEU A 339 -11.20 -13.83 -5.38
C LEU A 339 -10.55 -14.01 -4.02
N LEU A 340 -10.51 -12.96 -3.20
CA LEU A 340 -9.87 -13.04 -1.90
C LEU A 340 -10.69 -13.88 -0.93
N GLY A 341 -12.01 -13.75 -0.98
CA GLY A 341 -12.87 -14.66 -0.23
C GLY A 341 -13.07 -14.33 1.23
N PHE A 342 -12.59 -13.18 1.70
CA PHE A 342 -12.80 -12.81 3.10
C PHE A 342 -13.32 -11.38 3.16
N GLU A 343 -14.11 -11.08 4.19
CA GLU A 343 -14.73 -9.77 4.26
C GLU A 343 -13.77 -8.77 4.90
N PHE A 344 -13.70 -7.58 4.31
CA PHE A 344 -12.81 -6.54 4.77
C PHE A 344 -13.33 -5.90 6.06
N ILE A 345 -12.39 -5.43 6.89
CA ILE A 345 -12.71 -4.66 8.08
C ILE A 345 -13.45 -3.37 7.69
N ASP A 346 -14.59 -3.12 8.33
CA ASP A 346 -15.32 -1.94 7.91
C ASP A 346 -14.72 -0.67 8.54
N LEU A 347 -15.22 0.49 8.08
CA LEU A 347 -14.59 1.76 8.46
C LEU A 347 -14.74 2.02 9.94
N LYS A 348 -15.88 1.64 10.53
CA LYS A 348 -16.06 1.86 11.98
C LYS A 348 -15.01 1.11 12.80
N LYS A 349 -14.82 -0.19 12.52
CA LYS A 349 -13.82 -0.96 13.26
C LYS A 349 -12.41 -0.48 12.95
N ASP A 350 -12.14 -0.16 11.67
CA ASP A 350 -10.85 0.36 11.27
C ASP A 350 -10.51 1.61 12.08
N LEU A 351 -11.40 2.59 12.09
CA LEU A 351 -11.11 3.83 12.81
C LEU A 351 -11.06 3.61 14.32
N TYR A 352 -11.92 2.75 14.84
CA TYR A 352 -11.87 2.47 16.27
C TYR A 352 -10.53 1.88 16.67
N ASP A 353 -10.05 0.88 15.92
CA ASP A 353 -8.77 0.28 16.28
C ASP A 353 -7.62 1.24 16.06
N THR A 354 -7.67 2.05 15.01
CA THR A 354 -6.62 3.02 14.74
C THR A 354 -6.51 4.04 15.85
N ILE A 355 -7.65 4.64 16.22
CA ILE A 355 -7.59 5.79 17.12
C ILE A 355 -7.50 5.33 18.57
N SER A 356 -8.13 4.20 18.92
CA SER A 356 -7.94 3.72 20.29
C SER A 356 -6.48 3.34 20.52
N GLN A 357 -5.78 2.82 19.51
CA GLN A 357 -4.36 2.57 19.69
C GLN A 357 -3.60 3.87 19.94
N ILE A 358 -3.98 4.93 19.24
CA ILE A 358 -3.35 6.23 19.39
C ILE A 358 -3.55 6.78 20.79
N LEU A 359 -4.78 6.67 21.30
CA LEU A 359 -5.08 7.20 22.63
C LEU A 359 -4.39 6.40 23.72
N GLU A 360 -4.32 5.08 23.56
CA GLU A 360 -3.60 4.26 24.53
C GLU A 360 -2.13 4.65 24.55
N ALA A 361 -1.57 5.02 23.39
CA ALA A 361 -0.17 5.38 23.31
C ALA A 361 0.12 6.72 23.97
N GLU A 362 -0.91 7.52 24.24
CA GLU A 362 -0.77 8.80 24.93
C GLU A 362 -0.75 8.66 26.44
N LYS A 363 -0.66 7.43 26.94
CA LYS A 363 -0.54 7.18 28.38
C LYS A 363 0.69 7.90 28.94
S SO4 B . 12.89 0.91 5.05
O1 SO4 B . 13.39 0.46 3.74
O2 SO4 B . 12.18 2.17 4.87
O3 SO4 B . 11.97 -0.10 5.60
O4 SO4 B . 13.97 1.11 6.02
#